data_1Y3H
#
_entry.id   1Y3H
#
_cell.length_a   140.176
_cell.length_b   69.443
_cell.length_c   106.433
_cell.angle_alpha   90.00
_cell.angle_beta   130.29
_cell.angle_gamma   90.00
#
_symmetry.space_group_name_H-M   'C 1 2 1'
#
loop_
_entity.id
_entity.type
_entity.pdbx_description
1 polymer 'Inorganic polyphosphate/ATP-NAD kinase'
2 water water
#
_entity_poly.entity_id   1
_entity_poly.type   'polypeptide(L)'
_entity_poly.pdbx_seq_one_letter_code
;MTAHRSVLLVVHTGRDEATETARRVEKVLGDNKIALRVLSAEAVDRGSLHLAPDDMRAMGVEIEVVDADQHAADGCELVL
VLGGDGTFLRAAELARNASIPVLGVNLGRIGFLAEAEAEAIDAVLEHVVAQDYRVEDRLTLDVVVRQGGRIVNRGWALNE
VSLEKGPRLGVLGVVVEIDGRPVSAFGCDGVLVSTPTGSTAYAFSAGGPVLWPDLEAILVVPNNAHALFGRPMVTSPEAT
IAIEIEADGHDALVFCDGRREMLIPAGSRLEVTRCVTSVKWARLDSAPFTDRLVRKFRLPVIGWRGK
;
_entity_poly.pdbx_strand_id   A,B
#
# COMPACT_ATOMS: atom_id res chain seq x y z
N ARG A 5 34.60 -15.27 -13.28
CA ARG A 5 33.27 -14.96 -13.89
C ARG A 5 32.33 -16.16 -13.88
N SER A 6 32.03 -16.67 -12.68
CA SER A 6 31.15 -17.82 -12.54
C SER A 6 29.67 -17.47 -12.36
N VAL A 7 28.82 -18.05 -13.22
CA VAL A 7 27.37 -17.83 -13.16
C VAL A 7 26.69 -19.12 -12.76
N LEU A 8 25.57 -19.04 -12.05
CA LEU A 8 24.86 -20.26 -11.65
C LEU A 8 23.54 -20.45 -12.38
N LEU A 9 23.59 -21.03 -13.56
CA LEU A 9 22.37 -21.28 -14.33
C LEU A 9 21.42 -22.23 -13.61
N VAL A 10 20.12 -21.98 -13.78
CA VAL A 10 19.07 -22.80 -13.18
C VAL A 10 17.88 -22.87 -14.13
N VAL A 11 17.52 -24.09 -14.52
CA VAL A 11 16.42 -24.31 -15.44
C VAL A 11 15.40 -25.23 -14.78
N HIS A 12 14.12 -25.05 -15.13
CA HIS A 12 13.06 -25.87 -14.54
C HIS A 12 13.31 -27.38 -14.65
N THR A 13 12.77 -28.02 -15.68
CA THR A 13 12.94 -29.46 -15.86
C THR A 13 14.26 -29.77 -16.53
N THR A 19 12.66 -26.76 -21.42
CA THR A 19 13.93 -26.26 -20.92
C THR A 19 15.08 -26.73 -21.80
N GLU A 20 15.05 -26.35 -23.07
CA GLU A 20 16.09 -26.76 -24.00
C GLU A 20 16.99 -25.62 -24.50
N THR A 21 16.55 -24.38 -24.33
CA THR A 21 17.36 -23.24 -24.77
C THR A 21 18.47 -22.96 -23.77
N ALA A 22 18.62 -23.84 -22.80
CA ALA A 22 19.62 -23.74 -21.75
C ALA A 22 21.05 -23.89 -22.29
N ARG A 23 21.34 -25.06 -22.86
CA ARG A 23 22.66 -25.33 -23.43
C ARG A 23 23.10 -24.19 -24.35
N ARG A 24 22.15 -23.58 -25.04
CA ARG A 24 22.42 -22.47 -25.95
C ARG A 24 23.12 -21.37 -25.15
N VAL A 25 22.36 -20.85 -24.18
CA VAL A 25 22.83 -19.79 -23.29
C VAL A 25 24.14 -20.18 -22.64
N GLU A 26 24.17 -21.37 -22.04
CA GLU A 26 25.36 -21.84 -21.35
C GLU A 26 26.57 -22.03 -22.26
N LYS A 27 26.34 -22.08 -23.56
CA LYS A 27 27.44 -22.24 -24.51
C LYS A 27 27.90 -20.84 -24.88
N VAL A 28 26.94 -19.98 -25.20
CA VAL A 28 27.20 -18.60 -25.57
C VAL A 28 27.93 -17.89 -24.42
N LEU A 29 27.67 -18.37 -23.21
CA LEU A 29 28.28 -17.83 -21.98
C LEU A 29 29.74 -18.27 -21.91
N GLY A 30 30.00 -19.49 -22.37
CA GLY A 30 31.35 -20.01 -22.37
C GLY A 30 32.18 -19.19 -23.35
N ASP A 31 31.62 -18.95 -24.53
CA ASP A 31 32.31 -18.18 -25.57
C ASP A 31 32.86 -16.84 -25.09
N ASN A 32 32.36 -16.36 -23.95
CA ASN A 32 32.84 -15.10 -23.40
C ASN A 32 33.63 -15.40 -22.14
N LYS A 33 34.22 -16.58 -22.12
CA LYS A 33 35.03 -17.06 -21.00
C LYS A 33 34.28 -16.90 -19.68
N ILE A 34 32.97 -17.16 -19.71
CA ILE A 34 32.17 -17.04 -18.50
C ILE A 34 31.76 -18.39 -17.93
N ALA A 35 32.38 -18.72 -16.80
CA ALA A 35 32.13 -19.96 -16.09
C ALA A 35 30.63 -20.19 -15.96
N LEU A 36 30.25 -21.44 -15.75
CA LEU A 36 28.84 -21.77 -15.63
C LEU A 36 28.56 -23.10 -14.92
N ARG A 37 27.61 -23.05 -13.98
CA ARG A 37 27.18 -24.22 -13.21
C ARG A 37 25.71 -24.39 -13.57
N VAL A 38 25.14 -25.58 -13.40
CA VAL A 38 23.74 -25.77 -13.73
C VAL A 38 22.96 -26.51 -12.64
N LEU A 39 21.67 -26.20 -12.54
CA LEU A 39 20.80 -26.80 -11.53
C LEU A 39 19.33 -26.91 -11.97
N SER A 40 18.52 -27.56 -11.14
CA SER A 40 17.10 -27.76 -11.41
C SER A 40 16.23 -27.11 -10.33
N HIS A 71 21.97 -26.09 -0.36
CA HIS A 71 22.58 -26.41 -1.64
C HIS A 71 23.38 -25.19 -2.12
N ALA A 72 24.13 -24.61 -1.19
CA ALA A 72 24.95 -23.42 -1.43
C ALA A 72 25.81 -23.38 -2.71
N ALA A 73 25.25 -22.87 -3.80
CA ALA A 73 25.99 -22.74 -5.06
C ALA A 73 26.65 -21.35 -5.04
N ASP A 74 27.62 -21.20 -4.15
CA ASP A 74 28.35 -19.95 -3.93
C ASP A 74 29.35 -19.58 -5.02
N GLY A 75 30.23 -18.63 -4.68
CA GLY A 75 31.28 -18.18 -5.59
C GLY A 75 30.88 -17.47 -6.86
N CYS A 76 29.68 -17.76 -7.37
CA CYS A 76 29.19 -17.17 -8.61
C CYS A 76 29.14 -15.64 -8.64
N GLU A 77 28.55 -15.12 -9.73
CA GLU A 77 28.42 -13.68 -9.99
C GLU A 77 26.95 -13.27 -10.14
N LEU A 78 26.20 -14.07 -10.89
CA LEU A 78 24.79 -13.83 -11.14
C LEU A 78 24.07 -15.18 -11.07
N VAL A 79 22.74 -15.16 -11.10
CA VAL A 79 21.97 -16.39 -11.06
C VAL A 79 20.87 -16.38 -12.10
N LEU A 80 21.21 -16.77 -13.32
CA LEU A 80 20.25 -16.80 -14.42
C LEU A 80 19.32 -18.00 -14.24
N VAL A 81 18.02 -17.75 -14.41
CA VAL A 81 17.02 -18.80 -14.28
C VAL A 81 16.01 -18.76 -15.44
N LEU A 82 15.77 -19.92 -16.04
CA LEU A 82 14.81 -20.01 -17.13
C LEU A 82 13.67 -20.86 -16.62
N GLY A 83 12.45 -20.30 -16.65
CA GLY A 83 11.31 -21.06 -16.17
C GLY A 83 10.12 -20.23 -15.74
N GLY A 84 9.45 -20.68 -14.68
CA GLY A 84 8.28 -20.00 -14.15
C GLY A 84 8.50 -19.32 -12.81
N ASP A 85 7.48 -18.64 -12.31
CA ASP A 85 7.60 -17.93 -11.04
C ASP A 85 7.91 -18.89 -9.88
N GLY A 86 7.37 -20.10 -9.96
CA GLY A 86 7.64 -21.07 -8.92
C GLY A 86 9.10 -21.47 -9.03
N THR A 87 9.68 -21.21 -10.19
CA THR A 87 11.07 -21.55 -10.45
C THR A 87 11.94 -20.41 -9.95
N PHE A 88 11.50 -19.20 -10.29
CA PHE A 88 12.18 -17.97 -9.89
C PHE A 88 12.41 -18.03 -8.39
N LEU A 89 11.33 -18.32 -7.67
CA LEU A 89 11.40 -18.42 -6.22
C LEU A 89 12.52 -19.37 -5.76
N ARG A 90 12.55 -20.57 -6.33
CA ARG A 90 13.57 -21.54 -5.98
C ARG A 90 14.94 -20.91 -6.20
N ALA A 91 15.18 -20.44 -7.42
CA ALA A 91 16.45 -19.82 -7.79
C ALA A 91 16.85 -18.71 -6.81
N ALA A 92 15.87 -17.90 -6.43
CA ALA A 92 16.10 -16.79 -5.50
C ALA A 92 16.55 -17.31 -4.14
N GLU A 93 15.99 -18.45 -3.74
CA GLU A 93 16.30 -19.09 -2.47
C GLU A 93 17.79 -19.41 -2.40
N LEU A 94 18.42 -19.46 -3.58
CA LEU A 94 19.83 -19.75 -3.69
C LEU A 94 20.63 -18.45 -3.66
N ALA A 95 20.23 -17.51 -4.51
CA ALA A 95 20.89 -16.20 -4.60
C ALA A 95 20.93 -15.45 -3.27
N ARG A 96 19.80 -15.44 -2.56
CA ARG A 96 19.72 -14.80 -1.24
C ARG A 96 20.96 -15.19 -0.45
N ASN A 97 21.09 -16.48 -0.21
CA ASN A 97 22.20 -17.06 0.53
C ASN A 97 23.56 -16.53 0.09
N ALA A 98 23.84 -16.72 -1.20
CA ALA A 98 25.11 -16.29 -1.80
C ALA A 98 25.28 -14.78 -1.88
N SER A 99 24.19 -14.04 -1.67
CA SER A 99 24.25 -12.59 -1.73
C SER A 99 24.63 -12.13 -3.14
N ILE A 100 23.85 -12.56 -4.12
CA ILE A 100 24.11 -12.19 -5.51
C ILE A 100 22.80 -12.08 -6.30
N PRO A 101 22.77 -11.18 -7.30
CA PRO A 101 21.63 -10.90 -8.17
C PRO A 101 20.90 -12.11 -8.75
N VAL A 102 19.63 -11.89 -9.06
CA VAL A 102 18.76 -12.90 -9.64
C VAL A 102 18.27 -12.31 -10.96
N LEU A 103 17.94 -13.17 -11.93
CA LEU A 103 17.44 -12.70 -13.21
C LEU A 103 16.59 -13.81 -13.79
N GLY A 104 15.36 -13.48 -14.19
CA GLY A 104 14.48 -14.51 -14.72
C GLY A 104 14.08 -14.44 -16.17
N VAL A 105 13.91 -15.61 -16.77
CA VAL A 105 13.49 -15.72 -18.16
C VAL A 105 12.35 -16.72 -18.20
N ASN A 106 11.16 -16.22 -18.57
CA ASN A 106 9.97 -17.06 -18.65
C ASN A 106 10.04 -18.08 -19.76
N LEU A 107 9.48 -19.25 -19.49
CA LEU A 107 9.43 -20.34 -20.46
C LEU A 107 7.97 -20.66 -20.75
N GLY A 108 7.34 -21.41 -19.85
CA GLY A 108 5.96 -21.77 -20.04
C GLY A 108 5.01 -20.59 -20.10
N ARG A 109 4.13 -20.51 -19.12
CA ARG A 109 3.14 -19.45 -19.02
C ARG A 109 3.80 -18.11 -18.75
N ILE A 110 3.02 -17.16 -18.28
CA ILE A 110 3.52 -15.83 -17.98
C ILE A 110 3.80 -15.76 -16.48
N GLY A 111 4.69 -14.87 -16.09
CA GLY A 111 5.03 -14.72 -14.69
C GLY A 111 5.35 -13.27 -14.39
N PHE A 112 4.84 -12.78 -13.26
CA PHE A 112 5.08 -11.41 -12.88
C PHE A 112 6.54 -11.24 -12.50
N LEU A 113 7.15 -12.33 -12.04
CA LEU A 113 8.54 -12.31 -11.60
C LEU A 113 9.60 -12.34 -12.70
N ALA A 114 9.17 -12.66 -13.92
CA ALA A 114 10.13 -12.73 -15.03
C ALA A 114 10.50 -11.35 -15.56
N GLU A 115 11.77 -11.20 -15.94
CA GLU A 115 12.25 -9.92 -16.49
C GLU A 115 12.02 -9.85 -18.00
N ALA A 116 12.11 -11.00 -18.66
CA ALA A 116 11.93 -11.07 -20.10
C ALA A 116 11.53 -12.46 -20.56
N GLU A 117 11.02 -12.53 -21.80
CA GLU A 117 10.57 -13.77 -22.43
C GLU A 117 11.73 -14.56 -23.02
N ALA A 118 11.40 -15.66 -23.70
CA ALA A 118 12.42 -16.50 -24.32
C ALA A 118 12.77 -15.97 -25.70
N GLU A 119 11.96 -15.05 -26.21
CA GLU A 119 12.20 -14.47 -27.52
C GLU A 119 13.28 -13.40 -27.47
N ALA A 120 14.09 -13.42 -26.41
CA ALA A 120 15.15 -12.44 -26.26
C ALA A 120 16.35 -13.02 -25.52
N ILE A 121 16.36 -14.33 -25.36
CA ILE A 121 17.44 -15.03 -24.66
C ILE A 121 18.82 -14.45 -24.98
N ASP A 122 19.01 -13.96 -26.19
CA ASP A 122 20.28 -13.36 -26.59
C ASP A 122 20.42 -11.96 -26.01
N ALA A 123 19.41 -11.12 -26.22
CA ALA A 123 19.42 -9.76 -25.70
C ALA A 123 19.83 -9.78 -24.23
N VAL A 124 19.04 -10.50 -23.43
CA VAL A 124 19.32 -10.63 -22.01
C VAL A 124 20.75 -11.12 -21.88
N LEU A 125 21.02 -12.29 -22.45
CA LEU A 125 22.35 -12.86 -22.42
C LEU A 125 23.38 -11.76 -22.65
N GLU A 126 23.16 -10.99 -23.71
CA GLU A 126 24.04 -9.89 -24.06
C GLU A 126 24.33 -9.02 -22.85
N HIS A 127 23.27 -8.68 -22.13
CA HIS A 127 23.39 -7.85 -20.94
C HIS A 127 24.06 -8.66 -19.84
N VAL A 128 23.78 -9.95 -19.78
CA VAL A 128 24.37 -10.80 -18.76
C VAL A 128 25.88 -10.65 -18.77
N VAL A 129 26.46 -10.70 -19.96
CA VAL A 129 27.90 -10.59 -20.12
C VAL A 129 28.38 -9.15 -19.96
N ALA A 130 27.68 -8.23 -20.62
CA ALA A 130 28.04 -6.82 -20.57
C ALA A 130 27.95 -6.26 -19.15
N GLN A 131 27.23 -6.98 -18.28
CA GLN A 131 27.01 -6.58 -16.89
C GLN A 131 26.56 -5.13 -16.77
N ASP A 132 25.63 -4.73 -17.64
CA ASP A 132 25.09 -3.38 -17.63
C ASP A 132 23.66 -3.34 -17.13
N TYR A 133 23.20 -4.45 -16.57
CA TYR A 133 21.85 -4.50 -16.02
C TYR A 133 21.92 -3.86 -14.64
N ARG A 134 20.88 -3.15 -14.27
CA ARG A 134 20.87 -2.50 -12.97
C ARG A 134 20.41 -3.46 -11.90
N VAL A 135 21.10 -3.47 -10.77
CA VAL A 135 20.72 -4.35 -9.67
C VAL A 135 20.01 -3.49 -8.63
N GLU A 136 18.99 -4.04 -7.99
CA GLU A 136 18.25 -3.30 -6.99
C GLU A 136 17.78 -4.24 -5.89
N ASP A 137 17.78 -3.76 -4.66
CA ASP A 137 17.33 -4.57 -3.54
C ASP A 137 15.80 -4.58 -3.54
N ARG A 138 15.22 -5.71 -3.13
CA ARG A 138 13.78 -5.84 -3.10
C ARG A 138 13.30 -6.16 -1.70
N LEU A 139 12.24 -5.48 -1.26
CA LEU A 139 11.71 -5.71 0.07
C LEU A 139 11.46 -7.20 0.27
N THR A 140 12.16 -7.80 1.24
CA THR A 140 11.96 -9.20 1.57
C THR A 140 11.65 -9.29 3.07
N LEU A 141 10.71 -10.17 3.43
CA LEU A 141 10.31 -10.33 4.82
C LEU A 141 11.17 -11.28 5.64
N ASP A 142 11.02 -11.14 6.95
CA ASP A 142 11.74 -11.92 7.93
C ASP A 142 10.70 -12.45 8.92
N VAL A 143 10.54 -13.77 8.92
CA VAL A 143 9.54 -14.41 9.75
C VAL A 143 10.14 -15.00 11.02
N VAL A 144 9.43 -14.84 12.13
CA VAL A 144 9.91 -15.33 13.40
C VAL A 144 8.79 -15.91 14.24
N VAL A 145 8.96 -17.15 14.65
CA VAL A 145 7.98 -17.80 15.52
C VAL A 145 8.64 -17.54 16.87
N ARG A 146 7.84 -17.32 17.91
CA ARG A 146 8.36 -17.04 19.24
C ARG A 146 7.43 -17.62 20.28
N GLN A 147 7.93 -18.55 21.06
CA GLN A 147 7.11 -19.14 22.09
C GLN A 147 7.76 -18.94 23.44
N GLY A 148 6.92 -18.69 24.45
CA GLY A 148 7.44 -18.45 25.79
C GLY A 148 8.45 -17.34 25.73
N GLY A 149 8.19 -16.36 24.87
CA GLY A 149 9.07 -15.22 24.72
C GLY A 149 10.37 -15.58 24.02
N ARG A 150 10.55 -16.85 23.69
CA ARG A 150 11.77 -17.30 23.03
C ARG A 150 11.61 -17.70 21.58
N ILE A 151 12.53 -17.23 20.75
CA ILE A 151 12.53 -17.54 19.33
C ILE A 151 12.70 -19.04 19.09
N VAL A 152 11.60 -19.70 18.74
CA VAL A 152 11.61 -21.13 18.48
C VAL A 152 11.95 -21.47 17.02
N ASN A 153 11.79 -20.52 16.10
CA ASN A 153 12.08 -20.77 14.70
C ASN A 153 12.37 -19.48 13.94
N ARG A 154 12.85 -19.61 12.71
CA ARG A 154 13.18 -18.45 11.90
C ARG A 154 13.07 -18.77 10.41
N GLY A 155 12.54 -17.81 9.64
CA GLY A 155 12.37 -17.95 8.21
C GLY A 155 12.39 -16.61 7.49
N TRP A 156 12.00 -16.62 6.22
CA TRP A 156 11.98 -15.39 5.42
C TRP A 156 11.11 -15.60 4.18
N ALA A 157 10.75 -14.50 3.52
CA ALA A 157 9.90 -14.59 2.34
C ALA A 157 10.07 -13.42 1.38
N LEU A 158 10.39 -13.71 0.12
CA LEU A 158 10.53 -12.66 -0.89
C LEU A 158 9.18 -12.44 -1.53
N ASN A 159 8.22 -13.29 -1.17
CA ASN A 159 6.91 -13.18 -1.78
C ASN A 159 5.77 -13.12 -0.78
N GLU A 160 5.65 -14.13 0.08
CA GLU A 160 4.59 -14.12 1.05
C GLU A 160 4.79 -15.09 2.19
N VAL A 161 4.03 -14.89 3.26
CA VAL A 161 4.11 -15.74 4.42
C VAL A 161 2.70 -16.20 4.70
N SER A 162 2.43 -17.48 4.44
CA SER A 162 1.11 -18.00 4.68
C SER A 162 0.99 -18.88 5.91
N LEU A 163 0.12 -18.46 6.82
CA LEU A 163 -0.15 -19.17 8.04
C LEU A 163 -1.48 -19.83 7.77
N GLU A 164 -1.53 -21.14 7.94
CA GLU A 164 -2.75 -21.89 7.68
C GLU A 164 -3.06 -22.88 8.80
N LYS A 165 -4.35 -23.17 9.02
CA LYS A 165 -4.75 -24.11 10.07
C LYS A 165 -4.21 -25.51 9.78
N GLY A 166 -4.13 -26.34 10.81
CA GLY A 166 -3.64 -27.70 10.64
C GLY A 166 -4.75 -28.64 10.19
N PRO A 167 -5.70 -28.94 11.10
CA PRO A 167 -6.80 -29.85 10.76
C PRO A 167 -7.61 -29.39 9.56
N ARG A 168 -7.88 -30.33 8.67
CA ARG A 168 -8.66 -30.04 7.48
C ARG A 168 -10.03 -29.51 7.91
N LEU A 169 -10.36 -29.74 9.19
CA LEU A 169 -11.62 -29.28 9.74
C LEU A 169 -11.43 -28.17 10.77
N GLY A 170 -12.54 -27.57 11.18
CA GLY A 170 -12.48 -26.50 12.15
C GLY A 170 -11.80 -25.24 11.67
N VAL A 171 -11.74 -24.25 12.55
CA VAL A 171 -11.14 -22.95 12.23
C VAL A 171 -10.02 -22.55 13.21
N LEU A 172 -9.01 -21.89 12.68
CA LEU A 172 -7.87 -21.44 13.48
C LEU A 172 -8.16 -20.13 14.22
N GLY A 173 -8.31 -20.21 15.54
CA GLY A 173 -8.55 -19.01 16.35
C GLY A 173 -7.27 -18.21 16.33
N VAL A 174 -7.37 -16.90 16.12
CA VAL A 174 -6.15 -16.09 16.00
C VAL A 174 -6.31 -14.60 16.41
N VAL A 175 -5.19 -13.90 16.58
CA VAL A 175 -5.21 -12.48 16.93
C VAL A 175 -4.15 -11.75 16.11
N VAL A 176 -4.58 -10.75 15.36
CA VAL A 176 -3.66 -10.00 14.52
C VAL A 176 -3.27 -8.71 15.24
N GLU A 177 -1.99 -8.36 15.20
CA GLU A 177 -1.55 -7.14 15.87
C GLU A 177 -0.52 -6.39 15.08
N ILE A 178 -0.78 -5.10 14.86
CA ILE A 178 0.16 -4.28 14.14
C ILE A 178 0.79 -3.29 15.13
N ASP A 179 2.11 -3.24 15.10
CA ASP A 179 2.89 -2.36 15.95
C ASP A 179 2.50 -2.34 17.44
N GLY A 180 2.43 -3.52 18.05
CA GLY A 180 2.11 -3.59 19.47
C GLY A 180 0.64 -3.52 19.80
N ARG A 181 -0.15 -2.98 18.89
CA ARG A 181 -1.56 -2.88 19.16
C ARG A 181 -2.24 -3.93 18.31
N PRO A 182 -3.26 -4.57 18.85
CA PRO A 182 -4.02 -5.61 18.16
C PRO A 182 -5.27 -5.10 17.41
N VAL A 183 -5.41 -5.45 16.12
CA VAL A 183 -6.58 -5.03 15.33
C VAL A 183 -7.78 -5.97 15.40
N SER A 184 -7.60 -7.21 15.00
CA SER A 184 -8.74 -8.13 15.05
C SER A 184 -8.49 -9.48 15.71
N ALA A 185 -9.57 -10.01 16.25
CA ALA A 185 -9.58 -11.31 16.90
C ALA A 185 -10.63 -12.18 16.22
N PHE A 186 -10.20 -13.05 15.30
CA PHE A 186 -11.15 -13.92 14.58
C PHE A 186 -10.64 -15.35 14.27
N GLY A 187 -11.59 -16.21 13.93
CA GLY A 187 -11.27 -17.58 13.51
C GLY A 187 -11.06 -17.47 12.00
N CYS A 188 -10.28 -18.36 11.41
CA CYS A 188 -10.08 -18.28 9.97
C CYS A 188 -9.32 -19.51 9.40
N ASP A 189 -8.96 -19.46 8.11
CA ASP A 189 -8.21 -20.53 7.48
C ASP A 189 -6.74 -20.15 7.65
N GLY A 190 -6.48 -18.93 8.09
CA GLY A 190 -5.10 -18.49 8.24
C GLY A 190 -5.05 -16.99 8.03
N VAL A 191 -3.89 -16.47 7.62
CA VAL A 191 -3.69 -15.05 7.37
C VAL A 191 -2.44 -14.92 6.48
N LEU A 192 -2.51 -14.09 5.45
CA LEU A 192 -1.36 -13.92 4.58
C LEU A 192 -0.60 -12.65 4.94
N VAL A 193 0.69 -12.65 4.68
CA VAL A 193 1.51 -11.50 4.97
C VAL A 193 2.43 -11.55 3.78
N SER A 194 2.27 -10.60 2.87
CA SER A 194 3.11 -10.64 1.70
C SER A 194 3.67 -9.32 1.29
N THR A 195 4.71 -9.40 0.47
CA THR A 195 5.37 -8.26 -0.09
C THR A 195 4.43 -7.74 -1.20
N PRO A 196 4.76 -6.59 -1.80
CA PRO A 196 3.86 -6.12 -2.87
C PRO A 196 3.92 -7.16 -3.99
N THR A 197 5.13 -7.58 -4.33
CA THR A 197 5.39 -8.59 -5.36
C THR A 197 4.59 -9.88 -5.16
N GLY A 198 4.15 -10.17 -3.94
CA GLY A 198 3.38 -11.38 -3.73
C GLY A 198 1.89 -11.15 -3.64
N SER A 199 1.48 -9.91 -3.93
CA SER A 199 0.06 -9.52 -3.85
C SER A 199 -0.75 -10.20 -4.93
N THR A 200 -0.06 -10.47 -6.04
CA THR A 200 -0.63 -11.14 -7.22
C THR A 200 -0.87 -12.64 -6.94
N ALA A 201 0.03 -13.26 -6.16
CA ALA A 201 -0.08 -14.68 -5.82
C ALA A 201 -1.28 -15.06 -4.96
N TYR A 202 -1.05 -15.87 -3.94
CA TYR A 202 -2.11 -16.36 -3.04
C TYR A 202 -2.87 -15.24 -2.32
N ALA A 203 -2.20 -14.10 -2.14
CA ALA A 203 -2.79 -12.93 -1.50
C ALA A 203 -4.00 -12.55 -2.33
N PHE A 204 -3.75 -12.37 -3.61
CA PHE A 204 -4.77 -12.04 -4.58
C PHE A 204 -5.92 -13.02 -4.46
N SER A 205 -5.62 -14.31 -4.61
CA SER A 205 -6.65 -15.35 -4.52
C SER A 205 -7.44 -15.22 -3.24
N ALA A 206 -6.73 -14.88 -2.18
CA ALA A 206 -7.29 -14.74 -0.83
C ALA A 206 -8.26 -13.57 -0.70
N GLY A 207 -8.11 -12.58 -1.58
CA GLY A 207 -8.98 -11.41 -1.59
C GLY A 207 -8.22 -10.11 -1.66
N GLY A 208 -6.89 -10.20 -1.51
CA GLY A 208 -6.06 -9.02 -1.52
C GLY A 208 -6.10 -8.15 -2.76
N PRO A 209 -5.71 -6.88 -2.67
CA PRO A 209 -5.69 -5.93 -3.78
C PRO A 209 -4.33 -5.99 -4.45
N VAL A 210 -4.24 -5.45 -5.66
CA VAL A 210 -2.98 -5.47 -6.39
C VAL A 210 -2.08 -4.35 -5.91
N LEU A 211 -0.78 -4.59 -5.86
CA LEU A 211 0.17 -3.56 -5.42
C LEU A 211 1.33 -3.61 -6.37
N TRP A 212 1.71 -2.45 -6.93
CA TRP A 212 2.82 -2.48 -7.86
C TRP A 212 4.09 -2.92 -7.17
N PRO A 213 4.96 -3.61 -7.89
CA PRO A 213 6.24 -4.13 -7.40
C PRO A 213 7.20 -3.12 -6.79
N ASP A 214 7.29 -1.92 -7.38
CA ASP A 214 8.20 -0.89 -6.87
C ASP A 214 7.75 -0.19 -5.57
N LEU A 215 6.57 -0.52 -5.06
CA LEU A 215 6.09 0.06 -3.81
C LEU A 215 6.61 -0.76 -2.63
N GLU A 216 6.94 -0.08 -1.53
CA GLU A 216 7.42 -0.75 -0.35
C GLU A 216 6.40 -0.63 0.75
N ALA A 217 5.81 -1.78 1.09
CA ALA A 217 4.79 -1.84 2.11
C ALA A 217 4.60 -3.29 2.48
N ILE A 218 3.56 -3.56 3.24
CA ILE A 218 3.29 -4.92 3.65
C ILE A 218 1.81 -5.21 3.59
N LEU A 219 1.46 -6.29 2.89
CA LEU A 219 0.08 -6.67 2.77
C LEU A 219 -0.24 -7.76 3.77
N VAL A 220 -1.38 -7.61 4.42
CA VAL A 220 -1.87 -8.57 5.40
C VAL A 220 -3.27 -8.88 4.92
N VAL A 221 -3.54 -10.14 4.56
CA VAL A 221 -4.86 -10.51 4.09
C VAL A 221 -5.48 -11.61 4.91
N PRO A 222 -6.51 -11.29 5.71
CA PRO A 222 -7.08 -12.40 6.48
C PRO A 222 -7.50 -13.48 5.47
N ASN A 223 -7.38 -14.76 5.84
CA ASN A 223 -7.78 -15.83 4.95
C ASN A 223 -9.03 -16.51 5.48
N ASN A 224 -10.13 -16.36 4.74
CA ASN A 224 -11.44 -16.89 5.11
C ASN A 224 -11.73 -16.69 6.58
N ALA A 225 -11.82 -15.43 6.98
CA ALA A 225 -12.11 -15.08 8.37
C ALA A 225 -13.61 -15.18 8.59
N HIS A 226 -14.04 -15.36 9.82
CA HIS A 226 -15.46 -15.43 10.04
C HIS A 226 -15.77 -14.23 10.92
N ALA A 227 -15.60 -13.05 10.34
CA ALA A 227 -15.81 -11.77 11.01
C ALA A 227 -16.40 -10.73 10.04
N LEU A 228 -17.11 -9.73 10.58
CA LEU A 228 -17.67 -8.67 9.75
C LEU A 228 -16.50 -7.93 9.10
N PHE A 229 -15.49 -7.59 9.88
CA PHE A 229 -14.32 -6.92 9.32
C PHE A 229 -13.23 -7.96 9.02
N GLY A 230 -12.87 -8.07 7.75
CA GLY A 230 -11.84 -9.02 7.35
C GLY A 230 -11.10 -8.52 6.13
N ARG A 231 -11.13 -7.21 5.91
CA ARG A 231 -10.48 -6.64 4.75
C ARG A 231 -8.98 -6.65 4.87
N PRO A 232 -8.28 -6.68 3.73
CA PRO A 232 -6.82 -6.67 3.77
C PRO A 232 -6.36 -5.36 4.37
N MET A 233 -5.08 -5.29 4.73
CA MET A 233 -4.48 -4.10 5.33
C MET A 233 -3.11 -3.87 4.74
N VAL A 234 -2.75 -2.62 4.53
CA VAL A 234 -1.43 -2.30 3.98
C VAL A 234 -0.74 -1.41 5.00
N THR A 235 0.49 -1.76 5.34
CA THR A 235 1.27 -1.05 6.35
C THR A 235 2.56 -0.54 5.77
N SER A 236 3.37 0.02 6.66
CA SER A 236 4.67 0.55 6.32
C SER A 236 5.69 -0.61 6.28
N PRO A 237 6.84 -0.38 5.63
CA PRO A 237 7.90 -1.38 5.51
C PRO A 237 8.57 -1.56 6.87
N GLU A 238 8.25 -0.67 7.82
CA GLU A 238 8.83 -0.71 9.16
C GLU A 238 7.83 -1.19 10.17
N ALA A 239 6.57 -1.26 9.77
CA ALA A 239 5.57 -1.73 10.70
C ALA A 239 5.99 -3.14 11.11
N THR A 240 5.41 -3.63 12.18
CA THR A 240 5.78 -4.94 12.66
C THR A 240 4.51 -5.72 12.82
N ILE A 241 4.36 -6.72 11.96
CA ILE A 241 3.16 -7.55 11.98
C ILE A 241 3.38 -8.82 12.80
N ALA A 242 2.45 -9.07 13.72
CA ALA A 242 2.53 -10.24 14.54
C ALA A 242 1.15 -10.85 14.63
N ILE A 243 1.12 -12.16 14.58
CA ILE A 243 -0.12 -12.92 14.65
C ILE A 243 0.02 -13.94 15.77
N GLU A 244 -0.94 -13.97 16.67
CA GLU A 244 -0.93 -14.88 17.80
C GLU A 244 -1.89 -16.03 17.67
N ILE A 245 -1.30 -17.22 17.57
CA ILE A 245 -2.02 -18.47 17.43
C ILE A 245 -2.65 -18.87 18.76
N GLU A 246 -3.96 -19.06 18.77
CA GLU A 246 -4.69 -19.47 19.95
C GLU A 246 -3.96 -20.59 20.69
N ALA A 247 -4.04 -20.58 22.02
CA ALA A 247 -3.36 -21.58 22.83
C ALA A 247 -4.22 -22.80 23.10
N ASP A 248 -5.53 -22.60 23.14
CA ASP A 248 -6.47 -23.68 23.36
C ASP A 248 -6.91 -24.23 22.00
N GLY A 249 -5.94 -24.71 21.21
CA GLY A 249 -6.27 -25.24 19.91
C GLY A 249 -5.11 -26.00 19.31
N HIS A 250 -5.34 -26.61 18.16
CA HIS A 250 -4.31 -27.39 17.47
C HIS A 250 -3.14 -26.52 17.02
N ASP A 251 -2.24 -27.12 16.27
CA ASP A 251 -1.07 -26.43 15.75
C ASP A 251 -1.43 -25.88 14.37
N ALA A 252 -0.50 -25.15 13.78
CA ALA A 252 -0.71 -24.53 12.48
C ALA A 252 0.61 -24.55 11.73
N LEU A 253 0.56 -24.32 10.42
CA LEU A 253 1.78 -24.34 9.63
C LEU A 253 2.05 -22.98 9.02
N VAL A 254 3.27 -22.79 8.52
CA VAL A 254 3.65 -21.55 7.87
C VAL A 254 4.41 -21.91 6.59
N PHE A 255 4.03 -21.32 5.47
CA PHE A 255 4.72 -21.60 4.22
C PHE A 255 5.30 -20.32 3.68
N CYS A 256 6.59 -20.33 3.40
CA CYS A 256 7.22 -19.14 2.88
C CYS A 256 7.53 -19.33 1.41
N ASP A 257 6.82 -18.56 0.57
CA ASP A 257 7.01 -18.61 -0.87
C ASP A 257 6.60 -19.97 -1.40
N GLY A 258 5.65 -20.57 -0.73
CA GLY A 258 5.16 -21.88 -1.14
C GLY A 258 6.12 -23.03 -0.92
N ARG A 259 7.42 -22.75 -0.81
CA ARG A 259 8.43 -23.79 -0.58
C ARG A 259 8.63 -24.17 0.89
N ARG A 260 9.46 -23.38 1.57
CA ARG A 260 9.82 -23.58 2.99
C ARG A 260 8.63 -23.64 3.94
N GLU A 261 8.68 -24.59 4.89
CA GLU A 261 7.59 -24.75 5.84
C GLU A 261 8.10 -24.67 7.27
N MET A 262 7.18 -24.80 8.23
CA MET A 262 7.52 -24.77 9.64
C MET A 262 6.30 -24.75 10.52
N LEU A 263 6.14 -25.82 11.27
CA LEU A 263 5.02 -26.02 12.20
C LEU A 263 5.01 -24.93 13.26
N ILE A 264 3.82 -24.44 13.59
CA ILE A 264 3.67 -23.41 14.61
C ILE A 264 2.90 -24.00 15.78
N PRO A 265 3.58 -24.20 16.91
CA PRO A 265 2.96 -24.77 18.12
C PRO A 265 1.91 -23.86 18.75
N ALA A 266 0.73 -24.42 19.01
CA ALA A 266 -0.37 -23.68 19.62
C ALA A 266 0.12 -22.64 20.62
N GLY A 267 -0.59 -21.52 20.70
CA GLY A 267 -0.23 -20.48 21.65
C GLY A 267 1.11 -19.79 21.50
N SER A 268 1.66 -19.74 20.29
CA SER A 268 2.93 -19.03 20.09
C SER A 268 2.63 -17.84 19.19
N ARG A 269 3.63 -17.05 18.81
CA ARG A 269 3.30 -15.93 17.97
C ARG A 269 4.24 -15.55 16.86
N LEU A 270 3.66 -15.61 15.67
CA LEU A 270 4.31 -15.33 14.41
C LEU A 270 4.50 -13.82 14.24
N GLU A 271 5.75 -13.38 14.25
CA GLU A 271 6.05 -11.96 14.10
C GLU A 271 6.85 -11.81 12.81
N VAL A 272 6.36 -10.93 11.93
CA VAL A 272 7.02 -10.70 10.65
C VAL A 272 7.41 -9.25 10.57
N THR A 273 8.55 -9.01 9.95
CA THR A 273 9.02 -7.66 9.77
C THR A 273 9.93 -7.63 8.55
N ARG A 274 10.31 -6.43 8.15
CA ARG A 274 11.17 -6.24 7.00
C ARG A 274 12.58 -6.74 7.29
N CYS A 275 13.04 -7.73 6.52
CA CYS A 275 14.37 -8.26 6.74
C CYS A 275 15.36 -7.18 6.29
N VAL A 276 16.47 -7.08 7.01
CA VAL A 276 17.50 -6.10 6.73
C VAL A 276 18.31 -6.58 5.53
N THR A 277 18.17 -7.87 5.23
CA THR A 277 18.90 -8.48 4.12
C THR A 277 17.95 -8.72 2.94
N SER A 278 18.05 -7.89 1.91
CA SER A 278 17.18 -8.00 0.75
C SER A 278 17.72 -8.83 -0.40
N VAL A 279 16.80 -9.35 -1.22
CA VAL A 279 17.13 -10.15 -2.39
C VAL A 279 17.54 -9.23 -3.53
N LYS A 280 18.67 -9.50 -4.16
CA LYS A 280 19.10 -8.65 -5.25
C LYS A 280 18.40 -9.10 -6.52
N TRP A 281 18.02 -8.13 -7.35
CA TRP A 281 17.32 -8.39 -8.61
C TRP A 281 17.98 -7.69 -9.78
N ALA A 282 18.16 -8.42 -10.87
CA ALA A 282 18.75 -7.84 -12.06
C ALA A 282 17.59 -7.19 -12.81
N ARG A 283 17.74 -5.92 -13.13
CA ARG A 283 16.71 -5.18 -13.85
C ARG A 283 17.19 -4.82 -15.25
N LEU A 284 16.24 -4.48 -16.11
CA LEU A 284 16.54 -4.09 -17.49
C LEU A 284 15.26 -3.58 -18.16
N ASP A 285 15.42 -2.87 -19.27
CA ASP A 285 14.27 -2.35 -20.01
C ASP A 285 13.31 -3.53 -20.22
N SER A 286 12.30 -3.64 -19.35
CA SER A 286 11.35 -4.74 -19.45
C SER A 286 9.91 -4.23 -19.47
N ALA A 287 8.97 -5.14 -19.67
CA ALA A 287 7.59 -4.74 -19.70
C ALA A 287 7.23 -4.30 -18.30
N PRO A 288 6.68 -3.09 -18.17
CA PRO A 288 6.29 -2.59 -16.85
C PRO A 288 5.23 -3.49 -16.24
N PHE A 289 5.18 -3.52 -14.92
CA PHE A 289 4.22 -4.33 -14.19
C PHE A 289 2.79 -4.15 -14.67
N THR A 290 2.47 -2.95 -15.15
CA THR A 290 1.12 -2.63 -15.61
C THR A 290 0.68 -3.52 -16.78
N ASP A 291 1.61 -3.80 -17.70
CA ASP A 291 1.35 -4.66 -18.86
C ASP A 291 1.30 -6.14 -18.46
N ARG A 292 2.22 -6.55 -17.59
CA ARG A 292 2.26 -7.93 -17.13
C ARG A 292 0.93 -8.32 -16.52
N LEU A 293 0.34 -7.37 -15.80
CA LEU A 293 -0.93 -7.57 -15.14
C LEU A 293 -2.07 -7.73 -16.15
N VAL A 294 -2.03 -6.92 -17.21
CA VAL A 294 -3.07 -6.98 -18.24
C VAL A 294 -2.96 -8.29 -19.01
N ARG A 295 -1.73 -8.66 -19.37
CA ARG A 295 -1.48 -9.91 -20.08
C ARG A 295 -2.09 -11.06 -19.26
N LYS A 296 -1.33 -11.51 -18.27
CA LYS A 296 -1.73 -12.58 -17.36
C LYS A 296 -3.22 -12.69 -16.99
N PHE A 297 -3.90 -11.56 -16.84
CA PHE A 297 -5.31 -11.59 -16.46
C PHE A 297 -6.26 -11.27 -17.60
N ARG A 298 -5.73 -10.78 -18.70
CA ARG A 298 -6.58 -10.42 -19.83
C ARG A 298 -7.58 -9.37 -19.40
N LEU A 299 -7.09 -8.13 -19.28
CA LEU A 299 -7.90 -7.01 -18.86
C LEU A 299 -8.23 -6.12 -20.04
N PRO A 300 -9.51 -5.80 -20.25
CA PRO A 300 -9.97 -4.95 -21.35
C PRO A 300 -9.40 -3.54 -21.24
N VAL A 301 -8.37 -3.31 -22.03
CA VAL A 301 -7.68 -2.03 -22.06
C VAL A 301 -8.13 -1.20 -23.24
N ILE A 302 -9.23 -1.61 -23.88
CA ILE A 302 -9.72 -0.89 -25.06
C ILE A 302 -10.42 0.43 -24.82
N GLY A 303 -10.01 1.44 -25.59
CA GLY A 303 -10.60 2.76 -25.47
C GLY A 303 -9.58 3.76 -24.96
N TRP A 304 -8.42 3.25 -24.59
CA TRP A 304 -7.34 4.08 -24.07
C TRP A 304 -6.80 5.01 -25.15
N ARG A 305 -6.52 6.26 -24.78
CA ARG A 305 -5.97 7.22 -25.74
C ARG A 305 -4.49 7.38 -25.44
N GLY A 306 -4.19 7.88 -24.24
CA GLY A 306 -2.81 8.08 -23.85
C GLY A 306 -2.48 9.55 -23.68
N LYS A 307 -1.26 9.83 -23.22
CA LYS A 307 -0.80 11.20 -23.00
C LYS A 307 0.47 11.45 -23.82
N ARG B 5 1.93 36.47 18.50
CA ARG B 5 1.58 35.04 18.27
C ARG B 5 0.08 34.82 18.12
N SER B 6 -0.32 34.36 16.93
CA SER B 6 -1.72 34.13 16.61
C SER B 6 -2.08 32.68 16.28
N VAL B 7 -3.27 32.28 16.74
CA VAL B 7 -3.79 30.94 16.53
C VAL B 7 -5.22 31.02 15.99
N LEU B 8 -5.45 30.46 14.82
CA LEU B 8 -6.78 30.46 14.25
C LEU B 8 -7.57 29.26 14.72
N LEU B 9 -8.61 29.49 15.52
CA LEU B 9 -9.45 28.42 16.01
C LEU B 9 -10.62 28.23 15.05
N VAL B 10 -10.83 27.00 14.60
CA VAL B 10 -11.92 26.67 13.69
C VAL B 10 -12.85 25.65 14.32
N VAL B 11 -14.14 25.92 14.29
CA VAL B 11 -15.12 25.00 14.87
C VAL B 11 -16.27 24.76 13.90
N HIS B 12 -17.16 23.82 14.26
CA HIS B 12 -18.29 23.51 13.41
C HIS B 12 -19.23 24.71 13.28
N THR B 13 -19.78 25.14 14.41
CA THR B 13 -20.69 26.28 14.46
C THR B 13 -20.87 26.73 15.92
N GLU B 20 -18.05 23.96 22.66
CA GLU B 20 -18.23 24.51 24.00
C GLU B 20 -16.92 24.54 24.77
N THR B 21 -16.17 23.45 24.72
CA THR B 21 -14.88 23.38 25.39
C THR B 21 -13.97 24.38 24.70
N ALA B 22 -14.55 25.07 23.72
CA ALA B 22 -13.85 26.06 22.94
C ALA B 22 -13.53 27.29 23.79
N ARG B 23 -14.56 27.88 24.38
CA ARG B 23 -14.37 29.06 25.23
C ARG B 23 -13.32 28.78 26.29
N ARG B 24 -12.95 27.52 26.42
CA ARG B 24 -11.93 27.11 27.38
C ARG B 24 -10.56 27.17 26.71
N VAL B 25 -10.52 26.86 25.43
CA VAL B 25 -9.28 26.88 24.68
C VAL B 25 -8.95 28.33 24.43
N GLU B 26 -9.99 29.11 24.13
CA GLU B 26 -9.82 30.52 23.84
C GLU B 26 -9.44 31.32 25.08
N LYS B 27 -9.93 30.91 26.23
CA LYS B 27 -9.61 31.63 27.46
C LYS B 27 -8.19 31.27 27.90
N VAL B 28 -7.95 29.97 28.15
CA VAL B 28 -6.63 29.49 28.56
C VAL B 28 -5.55 30.03 27.64
N LEU B 29 -5.85 30.09 26.34
CA LEU B 29 -4.92 30.58 25.34
C LEU B 29 -4.62 32.05 25.56
N GLY B 30 -5.66 32.80 25.92
CA GLY B 30 -5.51 34.22 26.16
C GLY B 30 -4.58 34.52 27.32
N ASP B 31 -4.79 33.86 28.45
CA ASP B 31 -3.95 34.07 29.62
C ASP B 31 -2.49 34.07 29.20
N ASN B 32 -2.13 33.17 28.29
CA ASN B 32 -0.75 33.11 27.83
C ASN B 32 -0.57 34.12 26.72
N LYS B 33 -1.44 35.12 26.72
CA LYS B 33 -1.43 36.20 25.75
C LYS B 33 -1.21 35.73 24.33
N ILE B 34 -2.20 35.05 23.75
CA ILE B 34 -2.05 34.58 22.38
C ILE B 34 -3.25 34.99 21.53
N ALA B 35 -2.97 35.71 20.44
CA ALA B 35 -3.99 36.19 19.52
C ALA B 35 -4.83 35.05 18.97
N LEU B 36 -6.13 35.09 19.23
CA LEU B 36 -7.02 34.04 18.78
C LEU B 36 -8.16 34.55 17.93
N ARG B 37 -8.24 34.06 16.69
CA ARG B 37 -9.32 34.43 15.76
C ARG B 37 -10.21 33.19 15.68
N VAL B 38 -11.47 33.36 15.29
CA VAL B 38 -12.36 32.21 15.18
C VAL B 38 -13.14 32.12 13.87
N LEU B 39 -13.32 30.90 13.36
CA LEU B 39 -14.01 30.64 12.10
C LEU B 39 -14.95 29.43 12.24
N SER B 40 -15.59 29.04 11.14
CA SER B 40 -16.50 27.90 11.16
C SER B 40 -16.35 26.94 9.98
N HIS B 71 -10.87 32.94 2.34
CA HIS B 71 -10.83 33.07 3.79
C HIS B 71 -9.42 32.92 4.37
N ALA B 72 -8.41 33.07 3.52
CA ALA B 72 -7.02 32.95 3.93
C ALA B 72 -6.67 33.70 5.22
N ALA B 73 -6.83 33.04 6.36
CA ALA B 73 -6.52 33.62 7.67
C ALA B 73 -5.02 33.40 7.98
N ASP B 74 -4.20 34.22 7.33
CA ASP B 74 -2.73 34.23 7.44
C ASP B 74 -2.23 34.76 8.77
N GLY B 75 -0.91 34.91 8.87
CA GLY B 75 -0.31 35.42 10.09
C GLY B 75 -0.08 34.38 11.17
N CYS B 76 -1.15 33.75 11.63
CA CYS B 76 -1.09 32.73 12.69
C CYS B 76 0.07 31.77 12.52
N GLU B 77 0.26 30.90 13.51
CA GLU B 77 1.35 29.92 13.50
C GLU B 77 0.82 28.49 13.46
N LEU B 78 -0.33 28.29 14.08
CA LEU B 78 -0.96 27.00 14.13
C LEU B 78 -2.45 27.20 13.86
N VAL B 79 -3.15 26.12 13.56
CA VAL B 79 -4.58 26.18 13.30
C VAL B 79 -5.25 25.07 14.10
N LEU B 80 -5.70 25.40 15.30
CA LEU B 80 -6.37 24.42 16.14
C LEU B 80 -7.78 24.28 15.59
N VAL B 81 -8.43 23.16 15.89
CA VAL B 81 -9.80 22.94 15.41
C VAL B 81 -10.55 21.96 16.29
N LEU B 82 -11.82 22.26 16.54
CA LEU B 82 -12.65 21.40 17.38
C LEU B 82 -13.84 20.91 16.61
N GLY B 83 -13.84 19.63 16.25
CA GLY B 83 -14.96 19.06 15.51
C GLY B 83 -14.76 17.64 15.02
N GLY B 84 -15.24 17.36 13.81
CA GLY B 84 -15.13 16.05 13.22
C GLY B 84 -14.15 16.07 12.06
N ASP B 85 -14.00 14.96 11.37
CA ASP B 85 -13.07 14.92 10.25
C ASP B 85 -13.53 15.94 9.20
N GLY B 86 -14.85 16.09 9.06
CA GLY B 86 -15.38 17.02 8.09
C GLY B 86 -14.86 18.42 8.37
N THR B 87 -15.07 18.82 9.61
CA THR B 87 -14.63 20.11 10.12
C THR B 87 -13.12 20.20 9.92
N PHE B 88 -12.41 19.16 10.37
CA PHE B 88 -10.96 19.10 10.25
C PHE B 88 -10.49 19.47 8.85
N LEU B 89 -11.18 18.89 7.87
CA LEU B 89 -10.83 19.11 6.48
C LEU B 89 -10.86 20.56 6.02
N ARG B 90 -11.95 21.26 6.35
CA ARG B 90 -12.05 22.67 5.97
C ARG B 90 -10.83 23.37 6.54
N ALA B 91 -10.61 23.17 7.84
CA ALA B 91 -9.48 23.76 8.54
C ALA B 91 -8.19 23.53 7.79
N ALA B 92 -7.92 22.26 7.52
CA ALA B 92 -6.70 21.88 6.79
C ALA B 92 -6.57 22.64 5.47
N GLU B 93 -7.72 23.03 4.91
CA GLU B 93 -7.78 23.78 3.65
C GLU B 93 -7.05 25.10 3.89
N LEU B 94 -7.48 25.78 4.94
CA LEU B 94 -6.93 27.07 5.34
C LEU B 94 -5.47 26.93 5.72
N ALA B 95 -5.17 25.90 6.51
CA ALA B 95 -3.80 25.66 6.95
C ALA B 95 -2.91 25.46 5.73
N ARG B 96 -3.46 24.78 4.73
CA ARG B 96 -2.78 24.50 3.47
C ARG B 96 -2.42 25.82 2.80
N ASN B 97 -3.39 26.73 2.81
CA ASN B 97 -3.24 28.06 2.21
C ASN B 97 -2.15 28.88 2.89
N ALA B 98 -2.25 28.98 4.22
CA ALA B 98 -1.30 29.73 5.02
C ALA B 98 0.12 29.17 5.01
N SER B 99 0.24 27.85 4.93
CA SER B 99 1.56 27.19 4.96
C SER B 99 1.93 27.04 6.45
N ILE B 100 0.96 26.54 7.21
CA ILE B 100 1.12 26.36 8.65
C ILE B 100 0.38 25.11 9.11
N PRO B 101 0.90 24.44 10.16
CA PRO B 101 0.34 23.22 10.74
C PRO B 101 -1.12 23.26 11.18
N VAL B 102 -1.75 22.09 11.18
CA VAL B 102 -3.14 21.94 11.59
C VAL B 102 -3.10 21.07 12.83
N LEU B 103 -4.19 21.02 13.57
CA LEU B 103 -4.28 20.21 14.77
C LEU B 103 -5.74 20.16 15.19
N GLY B 104 -6.24 18.98 15.55
CA GLY B 104 -7.63 18.91 15.91
C GLY B 104 -7.98 18.16 17.17
N VAL B 105 -9.23 18.31 17.58
CA VAL B 105 -9.73 17.69 18.79
C VAL B 105 -11.17 17.27 18.56
N ASN B 106 -11.40 15.98 18.34
CA ASN B 106 -12.75 15.47 18.12
C ASN B 106 -13.69 15.91 19.22
N LEU B 107 -14.80 16.54 18.84
CA LEU B 107 -15.80 16.98 19.81
C LEU B 107 -16.92 15.98 19.94
N GLY B 108 -17.57 15.70 18.82
CA GLY B 108 -18.67 14.77 18.83
C GLY B 108 -18.28 13.32 18.68
N ARG B 109 -18.28 12.84 17.44
CA ARG B 109 -17.93 11.46 17.15
C ARG B 109 -16.43 11.23 16.97
N ILE B 110 -16.08 9.98 16.70
CA ILE B 110 -14.70 9.56 16.50
C ILE B 110 -14.23 9.93 15.08
N GLY B 111 -12.94 10.27 14.95
CA GLY B 111 -12.38 10.63 13.67
C GLY B 111 -10.94 10.19 13.60
N PHE B 112 -10.52 9.64 12.48
CA PHE B 112 -9.15 9.17 12.35
C PHE B 112 -8.21 10.34 12.10
N LEU B 113 -8.76 11.56 11.99
CA LEU B 113 -7.94 12.73 11.73
C LEU B 113 -7.47 13.50 12.98
N ALA B 114 -8.30 13.50 14.02
CA ALA B 114 -7.95 14.19 15.27
C ALA B 114 -6.74 13.60 15.96
N GLU B 115 -6.06 14.42 16.77
CA GLU B 115 -4.89 13.98 17.52
C GLU B 115 -5.25 13.69 18.97
N ALA B 116 -6.30 14.34 19.47
CA ALA B 116 -6.72 14.15 20.85
C ALA B 116 -8.22 14.31 21.00
N GLU B 117 -8.76 13.78 22.10
CA GLU B 117 -10.18 13.88 22.37
C GLU B 117 -10.48 15.20 23.07
N ALA B 118 -11.71 15.36 23.57
CA ALA B 118 -12.13 16.59 24.23
C ALA B 118 -11.77 16.71 25.72
N GLU B 119 -11.22 15.65 26.30
CA GLU B 119 -10.87 15.70 27.71
C GLU B 119 -9.38 15.95 27.90
N ALA B 120 -8.69 16.24 26.81
CA ALA B 120 -7.26 16.49 26.85
C ALA B 120 -7.00 17.87 26.28
N ILE B 121 -7.96 18.77 26.51
CA ILE B 121 -7.88 20.14 26.02
C ILE B 121 -6.64 20.84 26.55
N ASP B 122 -6.59 21.03 27.86
CA ASP B 122 -5.44 21.68 28.48
C ASP B 122 -4.19 20.96 28.02
N ALA B 123 -4.19 19.64 28.20
CA ALA B 123 -3.07 18.80 27.82
C ALA B 123 -2.54 19.24 26.46
N VAL B 124 -3.45 19.40 25.52
CA VAL B 124 -3.07 19.83 24.18
C VAL B 124 -2.75 21.32 24.20
N LEU B 125 -3.64 22.09 24.82
CA LEU B 125 -3.46 23.52 24.95
C LEU B 125 -2.07 23.81 25.50
N GLU B 126 -1.62 22.92 26.37
CA GLU B 126 -0.32 23.04 26.99
C GLU B 126 0.78 22.86 25.96
N HIS B 127 0.56 21.95 25.01
CA HIS B 127 1.54 21.69 23.96
C HIS B 127 1.43 22.78 22.90
N VAL B 128 0.23 23.34 22.81
CA VAL B 128 -0.07 24.39 21.86
C VAL B 128 0.71 25.64 22.24
N VAL B 129 0.66 25.98 23.52
CA VAL B 129 1.36 27.16 24.02
C VAL B 129 2.85 26.91 24.07
N ALA B 130 3.21 25.70 24.49
CA ALA B 130 4.61 25.29 24.60
C ALA B 130 5.32 25.09 23.25
N GLN B 131 4.54 24.74 22.22
CA GLN B 131 5.09 24.51 20.88
C GLN B 131 6.20 23.48 20.89
N ASP B 132 5.89 22.33 21.49
CA ASP B 132 6.83 21.23 21.60
C ASP B 132 6.34 20.03 20.77
N TYR B 133 5.17 20.20 20.14
CA TYR B 133 4.57 19.17 19.31
C TYR B 133 5.35 19.01 18.00
N ARG B 134 5.32 17.81 17.43
CA ARG B 134 6.02 17.55 16.18
C ARG B 134 5.24 18.04 14.98
N VAL B 135 5.97 18.39 13.92
CA VAL B 135 5.36 18.87 12.69
C VAL B 135 5.88 18.03 11.54
N GLU B 136 5.11 17.01 11.16
CA GLU B 136 5.52 16.16 10.05
C GLU B 136 4.60 16.34 8.84
N ASP B 137 5.22 16.57 7.68
CA ASP B 137 4.52 16.76 6.41
C ASP B 137 3.70 15.52 6.06
N ARG B 138 2.51 15.73 5.51
CA ARG B 138 1.67 14.61 5.13
C ARG B 138 1.44 14.65 3.62
N LEU B 139 1.53 13.47 3.00
CA LEU B 139 1.36 13.32 1.56
C LEU B 139 0.02 13.89 1.07
N THR B 140 0.09 14.77 0.07
CA THR B 140 -1.11 15.36 -0.50
C THR B 140 -1.12 15.18 -2.01
N LEU B 141 -2.33 15.08 -2.56
CA LEU B 141 -2.54 14.88 -3.99
C LEU B 141 -2.74 16.12 -4.85
N ASP B 142 -2.19 16.07 -6.07
CA ASP B 142 -2.30 17.16 -7.02
C ASP B 142 -3.18 16.75 -8.22
N VAL B 143 -4.46 17.10 -8.15
CA VAL B 143 -5.41 16.79 -9.21
C VAL B 143 -5.36 17.80 -10.37
N VAL B 144 -5.08 17.29 -11.57
CA VAL B 144 -4.98 18.11 -12.78
C VAL B 144 -5.98 17.63 -13.83
N VAL B 145 -6.75 18.54 -14.42
CA VAL B 145 -7.70 18.17 -15.46
C VAL B 145 -7.12 18.67 -16.77
N ARG B 146 -6.92 17.77 -17.73
CA ARG B 146 -6.34 18.16 -19.00
C ARG B 146 -7.23 17.81 -20.18
N GLN B 147 -7.49 18.79 -21.04
CA GLN B 147 -8.31 18.58 -22.22
C GLN B 147 -7.61 19.12 -23.44
N GLY B 148 -7.44 18.27 -24.43
CA GLY B 148 -6.76 18.69 -25.65
C GLY B 148 -5.30 18.96 -25.33
N GLY B 149 -4.85 18.44 -24.19
CA GLY B 149 -3.48 18.63 -23.76
C GLY B 149 -3.25 19.91 -22.98
N ARG B 150 -4.33 20.58 -22.59
CA ARG B 150 -4.22 21.83 -21.86
C ARG B 150 -4.88 21.79 -20.49
N ILE B 151 -4.09 22.08 -19.46
CA ILE B 151 -4.58 22.10 -18.08
C ILE B 151 -5.80 23.00 -17.95
N VAL B 152 -6.97 22.40 -18.14
CA VAL B 152 -8.23 23.09 -18.06
C VAL B 152 -8.57 23.50 -16.64
N ASN B 153 -8.07 22.73 -15.67
CA ASN B 153 -8.33 23.04 -14.27
C ASN B 153 -7.18 22.53 -13.39
N ARG B 154 -7.35 22.68 -12.09
CA ARG B 154 -6.34 22.22 -11.14
C ARG B 154 -6.95 22.02 -9.76
N GLY B 155 -6.31 21.17 -8.96
CA GLY B 155 -6.80 20.88 -7.64
C GLY B 155 -5.82 20.14 -6.74
N TRP B 156 -6.25 19.88 -5.52
CA TRP B 156 -5.43 19.18 -4.57
C TRP B 156 -6.39 18.53 -3.60
N ALA B 157 -5.99 17.37 -3.10
CA ALA B 157 -6.79 16.63 -2.14
C ALA B 157 -5.86 16.10 -1.08
N LEU B 158 -6.38 15.99 0.13
CA LEU B 158 -5.59 15.50 1.25
C LEU B 158 -6.13 14.14 1.66
N ASN B 159 -7.42 13.95 1.40
CA ASN B 159 -8.06 12.68 1.72
C ASN B 159 -8.37 11.85 0.48
N GLU B 160 -9.01 12.44 -0.54
CA GLU B 160 -9.32 11.68 -1.74
C GLU B 160 -9.82 12.50 -2.92
N VAL B 161 -9.55 12.01 -4.14
CA VAL B 161 -10.02 12.65 -5.36
C VAL B 161 -11.07 11.70 -5.89
N SER B 162 -12.31 11.91 -5.49
CA SER B 162 -13.41 11.06 -5.93
C SER B 162 -14.04 11.51 -7.24
N LEU B 163 -13.70 10.82 -8.35
CA LEU B 163 -14.26 11.13 -9.66
C LEU B 163 -15.63 10.47 -9.79
N GLU B 164 -16.66 11.24 -10.12
CA GLU B 164 -18.00 10.68 -10.23
C GLU B 164 -18.75 10.93 -11.54
N LYS B 165 -19.82 10.18 -11.74
CA LYS B 165 -20.66 10.33 -12.93
C LYS B 165 -21.61 11.50 -12.66
N GLY B 166 -21.91 12.28 -13.70
CA GLY B 166 -22.80 13.43 -13.52
C GLY B 166 -24.28 13.11 -13.39
N PRO B 167 -24.92 12.56 -14.43
CA PRO B 167 -26.36 12.23 -14.36
C PRO B 167 -26.66 11.18 -13.31
N ARG B 168 -27.86 11.26 -12.74
CA ARG B 168 -28.27 10.31 -11.73
C ARG B 168 -28.51 8.94 -12.36
N LEU B 169 -28.42 8.90 -13.69
CA LEU B 169 -28.62 7.68 -14.45
C LEU B 169 -27.47 7.38 -15.40
N GLY B 170 -27.41 6.13 -15.84
CA GLY B 170 -26.37 5.71 -16.75
C GLY B 170 -25.11 5.30 -16.04
N VAL B 171 -24.02 5.23 -16.79
CA VAL B 171 -22.74 4.84 -16.22
C VAL B 171 -21.65 5.64 -16.88
N LEU B 172 -20.55 5.82 -16.15
CA LEU B 172 -19.44 6.58 -16.67
C LEU B 172 -18.40 5.63 -17.25
N GLY B 173 -18.08 5.85 -18.52
CA GLY B 173 -17.09 5.01 -19.17
C GLY B 173 -15.76 5.63 -18.89
N VAL B 174 -14.82 4.83 -18.40
CA VAL B 174 -13.50 5.36 -18.05
C VAL B 174 -12.35 4.40 -18.34
N VAL B 175 -11.15 4.96 -18.47
CA VAL B 175 -9.95 4.18 -18.71
C VAL B 175 -8.88 4.56 -17.69
N VAL B 176 -8.64 3.69 -16.71
CA VAL B 176 -7.64 3.93 -15.68
C VAL B 176 -6.24 3.68 -16.22
N GLU B 177 -5.27 4.52 -15.85
CA GLU B 177 -3.91 4.35 -16.35
C GLU B 177 -2.81 4.63 -15.33
N ILE B 178 -1.97 3.64 -15.08
CA ILE B 178 -0.88 3.79 -14.14
C ILE B 178 0.47 4.01 -14.82
N ASP B 179 0.98 5.22 -14.71
CA ASP B 179 2.28 5.56 -15.28
C ASP B 179 2.43 5.36 -16.77
N GLY B 180 1.45 5.84 -17.54
CA GLY B 180 1.52 5.75 -18.98
C GLY B 180 1.00 4.49 -19.63
N ARG B 181 0.55 3.55 -18.80
CA ARG B 181 0.03 2.31 -19.32
C ARG B 181 -1.33 2.11 -18.68
N PRO B 182 -2.32 1.70 -19.48
CA PRO B 182 -3.68 1.47 -18.98
C PRO B 182 -3.81 0.08 -18.33
N VAL B 183 -4.76 -0.06 -17.41
CA VAL B 183 -4.99 -1.33 -16.70
C VAL B 183 -6.45 -1.79 -16.77
N SER B 184 -7.32 -0.91 -17.23
CA SER B 184 -8.71 -1.26 -17.31
C SER B 184 -9.49 -0.19 -18.02
N ALA B 185 -10.69 -0.56 -18.44
CA ALA B 185 -11.62 0.32 -19.12
C ALA B 185 -12.94 -0.29 -18.72
N PHE B 186 -13.83 0.50 -18.16
CA PHE B 186 -15.12 -0.03 -17.76
C PHE B 186 -16.05 1.12 -17.48
N GLY B 187 -17.29 0.75 -17.18
CA GLY B 187 -18.28 1.75 -16.86
C GLY B 187 -18.41 1.63 -15.38
N CYS B 188 -18.72 2.73 -14.71
CA CYS B 188 -18.84 2.73 -13.26
C CYS B 188 -19.35 4.06 -12.76
N ASP B 189 -19.67 4.11 -11.47
CA ASP B 189 -20.12 5.31 -10.80
C ASP B 189 -18.95 6.27 -10.56
N GLY B 190 -17.76 5.86 -10.93
CA GLY B 190 -16.64 6.73 -10.74
C GLY B 190 -15.41 5.99 -10.27
N VAL B 191 -14.37 6.75 -9.93
CA VAL B 191 -13.14 6.16 -9.48
C VAL B 191 -12.48 6.99 -8.40
N LEU B 192 -12.42 6.45 -7.18
CA LEU B 192 -11.77 7.14 -6.07
C LEU B 192 -10.26 7.09 -6.28
N VAL B 193 -9.56 8.06 -5.70
CA VAL B 193 -8.10 8.12 -5.76
C VAL B 193 -7.71 8.81 -4.48
N SER B 194 -7.52 8.00 -3.44
CA SER B 194 -7.18 8.52 -2.12
C SER B 194 -5.75 8.40 -1.63
N THR B 195 -5.60 8.79 -0.38
CA THR B 195 -4.34 8.78 0.35
C THR B 195 -4.48 7.76 1.49
N PRO B 196 -3.33 7.21 1.97
CA PRO B 196 -3.34 6.22 3.06
C PRO B 196 -4.31 6.66 4.15
N THR B 197 -4.40 7.98 4.32
CA THR B 197 -5.26 8.60 5.33
C THR B 197 -6.73 8.62 4.90
N GLY B 198 -6.95 8.72 3.59
CA GLY B 198 -8.30 8.74 3.06
C GLY B 198 -8.94 7.38 2.94
N SER B 199 -8.09 6.35 3.02
CA SER B 199 -8.53 4.96 2.90
C SER B 199 -9.64 4.54 3.83
N THR B 200 -9.87 5.29 4.90
CA THR B 200 -10.90 4.93 5.86
C THR B 200 -12.18 5.70 5.56
N ALA B 201 -12.09 6.52 4.53
CA ALA B 201 -13.18 7.37 4.09
C ALA B 201 -14.19 6.70 3.16
N TYR B 202 -14.32 7.31 1.98
CA TYR B 202 -15.23 6.87 0.94
C TYR B 202 -14.62 5.67 0.27
N ALA B 203 -13.31 5.72 0.06
CA ALA B 203 -12.58 4.61 -0.54
C ALA B 203 -12.93 3.34 0.24
N PHE B 204 -13.00 3.45 1.55
CA PHE B 204 -13.34 2.32 2.37
C PHE B 204 -14.80 1.88 2.16
N SER B 205 -15.70 2.83 1.89
CA SER B 205 -17.10 2.48 1.66
C SER B 205 -17.20 1.82 0.29
N ALA B 206 -16.37 2.28 -0.64
CA ALA B 206 -16.31 1.73 -1.98
C ALA B 206 -15.75 0.31 -1.86
N GLY B 207 -15.48 -0.11 -0.63
CA GLY B 207 -14.94 -1.44 -0.38
C GLY B 207 -13.44 -1.58 -0.58
N GLY B 208 -12.71 -0.52 -0.24
CA GLY B 208 -11.26 -0.54 -0.37
C GLY B 208 -10.58 -1.12 0.86
N PRO B 209 -9.24 -1.28 0.81
CA PRO B 209 -8.43 -1.82 1.90
C PRO B 209 -7.89 -0.78 2.90
N VAL B 210 -8.02 -1.08 4.19
CA VAL B 210 -7.51 -0.21 5.24
C VAL B 210 -6.02 0.05 5.10
N LEU B 211 -5.64 1.28 4.77
CA LEU B 211 -4.22 1.62 4.67
C LEU B 211 -3.82 2.24 6.01
N TRP B 212 -2.54 2.45 6.20
CA TRP B 212 -2.04 3.01 7.44
C TRP B 212 -1.48 4.40 7.16
N PRO B 213 -1.92 5.39 7.98
CA PRO B 213 -1.58 6.82 7.98
C PRO B 213 -0.14 7.19 7.69
N ASP B 214 0.80 6.43 8.25
CA ASP B 214 2.21 6.72 8.03
C ASP B 214 2.70 6.19 6.71
N LEU B 215 1.97 5.23 6.12
CA LEU B 215 2.35 4.64 4.83
C LEU B 215 2.36 5.66 3.70
N GLU B 216 3.32 5.55 2.80
CA GLU B 216 3.37 6.46 1.67
C GLU B 216 3.10 5.77 0.33
N ALA B 217 1.81 5.73 -0.03
CA ALA B 217 1.35 5.10 -1.24
C ALA B 217 0.07 5.77 -1.76
N ILE B 218 -0.38 5.36 -2.94
CA ILE B 218 -1.61 5.87 -3.52
C ILE B 218 -2.58 4.71 -3.71
N LEU B 219 -3.81 4.89 -3.28
CA LEU B 219 -4.83 3.84 -3.37
C LEU B 219 -5.85 4.23 -4.43
N VAL B 220 -5.98 3.41 -5.46
CA VAL B 220 -6.97 3.66 -6.50
C VAL B 220 -8.11 2.68 -6.27
N VAL B 221 -9.33 3.17 -6.21
CA VAL B 221 -10.45 2.28 -5.99
C VAL B 221 -11.63 2.50 -6.94
N PRO B 222 -11.89 1.52 -7.81
CA PRO B 222 -13.01 1.64 -8.74
C PRO B 222 -14.36 1.76 -7.99
N ASN B 223 -15.17 2.77 -8.35
CA ASN B 223 -16.46 2.98 -7.69
C ASN B 223 -17.60 2.31 -8.46
N ASN B 224 -18.15 1.24 -7.86
CA ASN B 224 -19.23 0.45 -8.47
C ASN B 224 -19.00 0.17 -9.95
N ALA B 225 -17.88 -0.50 -10.25
CA ALA B 225 -17.50 -0.86 -11.61
C ALA B 225 -18.29 -2.07 -12.13
N HIS B 226 -18.45 -2.12 -13.44
CA HIS B 226 -19.15 -3.23 -14.06
C HIS B 226 -18.07 -3.92 -14.85
N ALA B 227 -17.30 -4.73 -14.14
CA ALA B 227 -16.20 -5.48 -14.69
C ALA B 227 -15.98 -6.66 -13.78
N LEU B 228 -15.01 -7.49 -14.14
CA LEU B 228 -14.69 -8.67 -13.37
C LEU B 228 -13.60 -8.19 -12.42
N PHE B 229 -12.62 -7.53 -13.02
CA PHE B 229 -11.50 -6.96 -12.29
C PHE B 229 -11.77 -5.50 -11.98
N GLY B 230 -12.29 -5.24 -10.79
CA GLY B 230 -12.55 -3.89 -10.35
C GLY B 230 -12.04 -3.71 -8.93
N ARG B 231 -10.96 -4.39 -8.57
CA ARG B 231 -10.42 -4.29 -7.23
C ARG B 231 -9.34 -3.24 -7.12
N PRO B 232 -9.17 -2.68 -5.91
CA PRO B 232 -8.18 -1.64 -5.60
C PRO B 232 -6.75 -1.96 -5.91
N MET B 233 -6.06 -0.95 -6.45
CA MET B 233 -4.66 -1.04 -6.77
C MET B 233 -3.99 -0.02 -5.82
N VAL B 234 -2.73 -0.26 -5.49
CA VAL B 234 -2.01 0.61 -4.61
C VAL B 234 -0.66 0.77 -5.28
N THR B 235 -0.18 2.00 -5.34
CA THR B 235 1.09 2.30 -6.01
C THR B 235 2.07 3.14 -5.20
N SER B 236 3.23 3.36 -5.80
CA SER B 236 4.27 4.17 -5.19
C SER B 236 3.76 5.62 -5.23
N PRO B 237 4.44 6.51 -4.49
CA PRO B 237 4.06 7.94 -4.45
C PRO B 237 4.47 8.64 -5.74
N GLU B 238 5.46 8.11 -6.43
CA GLU B 238 5.91 8.70 -7.69
C GLU B 238 5.03 8.23 -8.84
N ALA B 239 4.13 7.31 -8.52
CA ALA B 239 3.21 6.76 -9.49
C ALA B 239 2.36 7.90 -10.06
N THR B 240 1.90 7.73 -11.30
CA THR B 240 1.07 8.75 -11.94
C THR B 240 -0.26 8.20 -12.43
N ILE B 241 -1.29 8.35 -11.60
CA ILE B 241 -2.60 7.87 -11.95
C ILE B 241 -3.27 8.86 -12.89
N ALA B 242 -3.76 8.35 -14.00
CA ALA B 242 -4.44 9.18 -15.00
C ALA B 242 -5.75 8.48 -15.27
N ILE B 243 -6.82 9.25 -15.41
CA ILE B 243 -8.10 8.66 -15.66
C ILE B 243 -8.79 9.35 -16.84
N GLU B 244 -8.78 8.67 -17.98
CA GLU B 244 -9.40 9.16 -19.22
C GLU B 244 -10.90 8.93 -19.21
N ILE B 245 -11.65 10.01 -19.41
CA ILE B 245 -13.11 9.94 -19.44
C ILE B 245 -13.61 9.81 -20.88
N GLU B 246 -14.57 8.92 -21.06
CA GLU B 246 -15.17 8.65 -22.36
C GLU B 246 -15.63 9.89 -23.11
N ALA B 247 -15.11 10.09 -24.31
CA ALA B 247 -15.45 11.23 -25.15
C ALA B 247 -16.92 11.22 -25.52
N ASP B 248 -17.38 10.08 -26.04
CA ASP B 248 -18.75 9.93 -26.45
C ASP B 248 -19.66 9.71 -25.24
N GLY B 249 -19.63 10.67 -24.31
CA GLY B 249 -20.47 10.54 -23.13
C GLY B 249 -20.74 11.89 -22.49
N HIS B 250 -21.30 11.86 -21.28
CA HIS B 250 -21.63 13.09 -20.55
C HIS B 250 -20.42 13.71 -19.87
N ASP B 251 -20.68 14.67 -18.99
CA ASP B 251 -19.63 15.35 -18.25
C ASP B 251 -19.61 14.82 -16.81
N ALA B 252 -18.43 14.82 -16.21
CA ALA B 252 -18.26 14.30 -14.85
C ALA B 252 -17.90 15.34 -13.80
N LEU B 253 -17.94 14.90 -12.54
CA LEU B 253 -17.62 15.75 -11.41
C LEU B 253 -16.46 15.14 -10.64
N VAL B 254 -15.56 15.99 -10.16
CA VAL B 254 -14.42 15.55 -9.34
C VAL B 254 -14.56 16.26 -7.98
N PHE B 255 -14.67 15.48 -6.91
CA PHE B 255 -14.79 16.07 -5.57
C PHE B 255 -13.53 15.82 -4.76
N CYS B 256 -12.81 16.89 -4.43
CA CYS B 256 -11.62 16.77 -3.61
C CYS B 256 -11.99 16.91 -2.14
N ASP B 257 -11.49 15.99 -1.33
CA ASP B 257 -11.72 15.95 0.10
C ASP B 257 -13.16 16.13 0.51
N GLY B 258 -14.07 15.92 -0.43
CA GLY B 258 -15.50 16.04 -0.15
C GLY B 258 -16.10 17.43 -0.12
N ARG B 259 -15.33 18.44 -0.56
CA ARG B 259 -15.80 19.82 -0.56
C ARG B 259 -15.57 20.51 -1.91
N ARG B 260 -14.30 20.70 -2.26
CA ARG B 260 -13.93 21.35 -3.51
C ARG B 260 -14.36 20.61 -4.77
N GLU B 261 -15.45 21.06 -5.38
CA GLU B 261 -15.96 20.45 -6.61
C GLU B 261 -15.43 21.11 -7.88
N MET B 262 -15.52 20.40 -8.99
CA MET B 262 -15.09 20.92 -10.27
C MET B 262 -15.72 20.08 -11.38
N LEU B 263 -15.82 20.66 -12.57
CA LEU B 263 -16.46 19.99 -13.70
C LEU B 263 -15.48 19.38 -14.70
N ILE B 264 -15.73 18.11 -15.05
CA ILE B 264 -14.90 17.37 -15.99
C ILE B 264 -15.61 17.17 -17.33
N PRO B 265 -15.10 17.83 -18.39
CA PRO B 265 -15.66 17.75 -19.74
C PRO B 265 -15.38 16.39 -20.40
N ALA B 266 -16.42 15.75 -20.90
CA ALA B 266 -16.26 14.46 -21.55
C ALA B 266 -15.00 14.48 -22.39
N GLY B 267 -14.31 13.35 -22.45
CA GLY B 267 -13.11 13.29 -23.27
C GLY B 267 -11.89 13.96 -22.66
N SER B 268 -12.01 14.46 -21.44
CA SER B 268 -10.85 15.10 -20.79
C SER B 268 -10.25 14.05 -19.86
N ARG B 269 -8.96 14.17 -19.58
CA ARG B 269 -8.32 13.20 -18.70
C ARG B 269 -7.77 13.77 -17.39
N LEU B 270 -8.24 13.16 -16.31
CA LEU B 270 -7.87 13.53 -14.95
C LEU B 270 -6.51 12.97 -14.55
N GLU B 271 -5.59 13.85 -14.16
CA GLU B 271 -4.26 13.42 -13.73
C GLU B 271 -4.04 13.68 -12.24
N VAL B 272 -3.70 12.64 -11.49
CA VAL B 272 -3.45 12.75 -10.05
C VAL B 272 -2.03 12.29 -9.68
N THR B 273 -1.34 13.10 -8.88
CA THR B 273 0.00 12.77 -8.45
C THR B 273 0.34 13.33 -7.07
N ARG B 274 1.58 13.17 -6.66
CA ARG B 274 2.01 13.67 -5.36
C ARG B 274 2.22 15.16 -5.42
N CYS B 275 1.46 15.90 -4.63
CA CYS B 275 1.61 17.34 -4.62
C CYS B 275 2.92 17.63 -3.89
N VAL B 276 3.77 18.46 -4.48
CA VAL B 276 5.06 18.81 -3.87
C VAL B 276 4.88 19.61 -2.57
N THR B 277 3.74 20.31 -2.46
CA THR B 277 3.42 21.12 -1.29
C THR B 277 2.49 20.36 -0.36
N SER B 278 3.04 19.76 0.69
CA SER B 278 2.23 18.99 1.64
C SER B 278 1.56 19.82 2.72
N VAL B 279 0.59 19.20 3.40
CA VAL B 279 -0.13 19.86 4.48
C VAL B 279 0.55 19.48 5.78
N LYS B 280 1.00 20.48 6.53
CA LYS B 280 1.67 20.25 7.80
C LYS B 280 0.72 19.70 8.86
N TRP B 281 1.15 18.63 9.54
CA TRP B 281 0.35 18.01 10.59
C TRP B 281 0.99 18.15 11.96
N ALA B 282 0.18 18.56 12.93
CA ALA B 282 0.68 18.73 14.30
C ALA B 282 0.61 17.35 14.99
N ARG B 283 1.78 16.78 15.28
CA ARG B 283 1.85 15.47 15.89
C ARG B 283 2.20 15.50 17.38
N LEU B 284 1.43 14.77 18.17
CA LEU B 284 1.66 14.70 19.60
C LEU B 284 1.17 13.36 20.13
N ASP B 285 1.85 12.84 21.14
CA ASP B 285 1.49 11.54 21.76
C ASP B 285 -0.02 11.32 21.79
N SER B 286 -0.50 10.50 20.88
CA SER B 286 -1.94 10.21 20.79
C SER B 286 -2.19 8.73 20.51
N ALA B 287 -3.46 8.33 20.57
CA ALA B 287 -3.83 6.94 20.29
C ALA B 287 -3.33 6.61 18.89
N PRO B 288 -2.53 5.54 18.75
CA PRO B 288 -2.05 5.20 17.41
C PRO B 288 -3.21 4.73 16.53
N PHE B 289 -3.05 4.91 15.22
CA PHE B 289 -4.07 4.54 14.25
C PHE B 289 -4.78 3.23 14.56
N THR B 290 -4.00 2.19 14.86
CA THR B 290 -4.57 0.87 15.17
C THR B 290 -5.70 0.96 16.20
N ASP B 291 -5.54 1.80 17.21
CA ASP B 291 -6.57 1.94 18.24
C ASP B 291 -7.81 2.69 17.73
N ARG B 292 -7.57 3.76 16.97
CA ARG B 292 -8.66 4.53 16.40
C ARG B 292 -9.56 3.60 15.59
N LEU B 293 -8.92 2.80 14.74
CA LEU B 293 -9.62 1.84 13.90
C LEU B 293 -10.53 0.93 14.73
N VAL B 294 -9.96 0.29 15.75
CA VAL B 294 -10.71 -0.62 16.60
C VAL B 294 -11.81 0.10 17.37
N ARG B 295 -11.47 1.28 17.89
CA ARG B 295 -12.41 2.08 18.66
C ARG B 295 -13.59 2.45 17.75
N LYS B 296 -13.25 2.86 16.54
CA LYS B 296 -14.21 3.27 15.54
C LYS B 296 -15.16 2.18 15.06
N PHE B 297 -14.62 1.04 14.64
CA PHE B 297 -15.47 -0.02 14.11
C PHE B 297 -15.95 -1.05 15.13
N ARG B 298 -15.43 -0.95 16.35
CA ARG B 298 -15.80 -1.87 17.42
C ARG B 298 -15.21 -3.26 17.15
N LEU B 299 -14.04 -3.26 16.50
CA LEU B 299 -13.35 -4.49 16.18
C LEU B 299 -13.07 -5.19 17.49
N PRO B 300 -13.38 -6.50 17.57
CA PRO B 300 -13.15 -7.30 18.76
C PRO B 300 -11.65 -7.61 18.88
N VAL B 301 -11.14 -7.59 20.10
CA VAL B 301 -9.72 -7.83 20.30
C VAL B 301 -9.53 -8.71 21.53
N ILE B 302 -10.61 -9.36 21.95
CA ILE B 302 -10.57 -10.22 23.12
C ILE B 302 -9.68 -11.47 22.99
N GLY B 303 -8.81 -11.67 23.98
CA GLY B 303 -7.92 -12.81 23.96
C GLY B 303 -6.49 -12.48 23.60
N TRP B 304 -6.27 -11.23 23.21
CA TRP B 304 -4.92 -10.82 22.85
C TRP B 304 -3.98 -10.96 24.04
N ARG B 305 -2.77 -11.45 23.79
CA ARG B 305 -1.81 -11.63 24.86
C ARG B 305 -0.90 -10.40 24.98
N GLY B 306 0.09 -10.28 24.10
CA GLY B 306 0.98 -9.13 24.15
C GLY B 306 2.34 -9.37 23.55
N LYS B 307 2.85 -10.58 23.78
CA LYS B 307 4.16 -10.97 23.24
C LYS B 307 4.45 -12.44 23.55
#